data_6E5M
#
_entry.id   6E5M
#
_cell.length_a   68.696
_cell.length_b   68.696
_cell.length_c   74.577
_cell.angle_alpha   90.00
_cell.angle_beta   90.00
_cell.angle_gamma   120.00
#
_symmetry.space_group_name_H-M   'P 32 2 1'
#
loop_
_entity.id
_entity.type
_entity.pdbx_description
1 polymer 'Cationic trypsin'
2 polymer 9MER-PEPTIDE
3 non-polymer 'CALCIUM ION'
4 non-polymer 'SULFATE ION'
5 water water
#
loop_
_entity_poly.entity_id
_entity_poly.type
_entity_poly.pdbx_seq_one_letter_code
_entity_poly.pdbx_strand_id
1 'polypeptide(L)'
;IVGGYTCGANTVPYQVSLNSGYHFCGGSLINSQWVVSAAHCYKSGIQVRLGEDNINVVEGNEQFISASKSIVHPSYNSNT
LNNDIMLIKLKSAASLNSRVASISLPTSCASAGTQCLISGWGNTKSSGTSYPDVLKCLKAPILSDSSCKSAYPGQITSNM
FCAGYLEGGKDSCQGDSGGPVVCSGKLQGIVSWGSGCAQKNKPGVYTKVCNYVSWIKQTIASN
;
A
2 'polypeptide(L)' CTKSIPPQC I
#
loop_
_chem_comp.id
_chem_comp.type
_chem_comp.name
_chem_comp.formula
CA non-polymer 'CALCIUM ION' 'Ca 2'
SO4 non-polymer 'SULFATE ION' 'O4 S -2'
#
# COMPACT_ATOMS: atom_id res chain seq x y z
N ILE A 1 1.28 -3.46 -10.11
CA ILE A 1 0.83 -2.29 -10.86
C ILE A 1 0.64 -2.68 -12.33
N VAL A 2 -0.59 -2.53 -12.82
CA VAL A 2 -0.92 -2.74 -14.23
C VAL A 2 -0.97 -1.38 -14.91
N GLY A 3 -0.31 -1.28 -16.07
CA GLY A 3 -0.36 -0.04 -16.82
C GLY A 3 0.46 1.08 -16.24
N GLY A 4 1.43 0.77 -15.38
CA GLY A 4 2.31 1.76 -14.80
C GLY A 4 3.64 1.84 -15.52
N TYR A 5 4.59 2.49 -14.86
CA TYR A 5 5.92 2.70 -15.40
C TYR A 5 6.96 2.34 -14.35
N THR A 6 8.17 2.04 -14.82
CA THR A 6 9.30 1.80 -13.92
C THR A 6 9.63 3.09 -13.18
N CYS A 7 9.52 3.05 -11.84
CA CYS A 7 9.70 4.27 -11.05
C CYS A 7 11.10 4.84 -11.24
N GLY A 8 12.11 3.99 -11.21
CA GLY A 8 13.49 4.40 -11.10
C GLY A 8 13.99 4.04 -9.70
N ALA A 9 15.24 3.60 -9.63
CA ALA A 9 15.78 3.08 -8.38
C ALA A 9 15.67 4.12 -7.27
N ASN A 10 14.99 3.75 -6.19
CA ASN A 10 14.95 4.52 -4.95
C ASN A 10 14.33 5.90 -5.15
N THR A 11 13.43 6.02 -6.14
CA THR A 11 12.67 7.25 -6.33
C THR A 11 11.47 7.36 -5.41
N VAL A 12 11.11 6.27 -4.73
CA VAL A 12 9.98 6.23 -3.80
C VAL A 12 10.55 5.71 -2.48
N PRO A 13 11.30 6.53 -1.74
CA PRO A 13 12.13 6.00 -0.65
C PRO A 13 11.34 5.52 0.55
N TYR A 14 10.04 5.81 0.63
CA TYR A 14 9.18 5.33 1.69
C TYR A 14 8.56 3.98 1.37
N GLN A 15 8.68 3.52 0.14
CA GLN A 15 8.13 2.22 -0.24
C GLN A 15 8.97 1.09 0.34
N VAL A 16 8.33 0.18 1.06
CA VAL A 16 9.00 -1.02 1.54
C VAL A 16 8.33 -2.25 0.93
N SER A 17 9.06 -3.36 1.00
CA SER A 17 8.57 -4.67 0.60
C SER A 17 8.47 -5.55 1.83
N LEU A 18 7.32 -6.21 1.99
CA LEU A 18 7.13 -7.19 3.05
C LEU A 18 7.45 -8.57 2.47
N ASN A 19 8.38 -9.28 3.11
CA ASN A 19 8.98 -10.48 2.53
C ASN A 19 8.89 -11.66 3.47
N SER A 20 8.49 -12.81 2.93
CA SER A 20 8.41 -14.07 3.67
C SER A 20 9.03 -15.18 2.83
N GLY A 21 10.24 -14.93 2.33
CA GLY A 21 10.83 -15.77 1.31
C GLY A 21 10.36 -15.45 -0.08
N TYR A 22 9.53 -14.42 -0.23
CA TYR A 22 9.01 -13.86 -1.47
C TYR A 22 8.28 -12.58 -1.09
N HIS A 23 8.20 -11.67 -2.03
CA HIS A 23 7.42 -10.44 -1.81
C HIS A 23 5.94 -10.78 -1.82
N PHE A 24 5.21 -10.33 -0.80
CA PHE A 24 3.77 -10.61 -0.71
C PHE A 24 2.90 -9.38 -0.47
N CYS A 25 3.46 -8.27 0.00
CA CYS A 25 2.72 -7.03 0.22
C CYS A 25 3.73 -5.90 0.27
N GLY A 26 3.23 -4.68 0.06
CA GLY A 26 4.01 -3.49 0.26
C GLY A 26 3.70 -2.83 1.60
N GLY A 27 4.38 -1.71 1.83
CA GLY A 27 4.14 -0.88 3.00
C GLY A 27 4.80 0.46 2.81
N SER A 28 4.53 1.36 3.76
CA SER A 28 5.06 2.72 3.71
C SER A 28 5.74 3.06 5.03
N LEU A 29 7.00 3.50 4.95
CA LEU A 29 7.71 3.94 6.12
C LEU A 29 7.16 5.29 6.58
N ILE A 30 6.75 5.39 7.84
CA ILE A 30 6.26 6.65 8.39
C ILE A 30 7.17 7.21 9.48
N ASN A 31 8.08 6.41 10.04
CA ASN A 31 9.22 6.91 10.79
C ASN A 31 10.25 5.79 10.83
N SER A 32 11.37 6.04 11.47
CA SER A 32 12.49 5.10 11.37
C SER A 32 12.16 3.71 11.93
N GLN A 33 11.08 3.57 12.70
CA GLN A 33 10.76 2.30 13.32
C GLN A 33 9.40 1.74 12.96
N TRP A 34 8.59 2.43 12.15
CA TRP A 34 7.21 2.03 11.93
C TRP A 34 6.84 2.07 10.45
N VAL A 35 6.04 1.09 10.04
CA VAL A 35 5.57 0.93 8.66
C VAL A 35 4.05 0.82 8.67
N VAL A 36 3.40 1.52 7.76
CA VAL A 36 1.96 1.40 7.54
C VAL A 36 1.72 0.42 6.42
N SER A 37 0.84 -0.55 6.63
CA SER A 37 0.44 -1.51 5.60
C SER A 37 -1.04 -1.82 5.78
N ALA A 38 -1.50 -2.86 5.10
CA ALA A 38 -2.90 -3.28 5.16
C ALA A 38 -3.07 -4.42 6.16
N ALA A 39 -4.19 -4.38 6.89
CA ALA A 39 -4.48 -5.42 7.88
C ALA A 39 -4.51 -6.80 7.24
N HIS A 40 -5.03 -6.91 6.02
CA HIS A 40 -5.12 -8.23 5.41
C HIS A 40 -3.77 -8.80 5.02
N CYS A 41 -2.71 -7.99 5.06
CA CYS A 41 -1.34 -8.48 4.83
C CYS A 41 -0.73 -9.12 6.08
N TYR A 42 -1.44 -9.12 7.20
CA TYR A 42 -0.89 -9.65 8.44
C TYR A 42 -0.45 -11.10 8.28
N LYS A 43 0.76 -11.38 8.75
CA LYS A 43 1.24 -12.76 8.88
C LYS A 43 2.49 -12.73 9.77
N SER A 44 2.81 -13.88 10.34
CA SER A 44 4.02 -13.99 11.15
CA SER A 44 4.01 -13.98 11.14
C SER A 44 5.24 -14.22 10.27
N GLY A 45 6.40 -13.87 10.80
CA GLY A 45 7.64 -14.07 10.07
C GLY A 45 7.91 -13.04 8.99
N ILE A 46 7.44 -11.81 9.17
CA ILE A 46 7.63 -10.76 8.18
C ILE A 46 9.05 -10.22 8.29
N GLN A 47 9.72 -10.07 7.15
CA GLN A 47 10.93 -9.28 7.04
C GLN A 47 10.64 -8.06 6.18
N VAL A 48 10.92 -6.88 6.71
CA VAL A 48 10.71 -5.63 6.00
C VAL A 48 11.98 -5.31 5.22
N ARG A 49 11.82 -5.04 3.92
CA ARG A 49 12.96 -4.76 3.05
C ARG A 49 12.85 -3.33 2.57
N LEU A 50 13.76 -2.50 3.04
CA LEU A 50 13.79 -1.08 2.72
C LEU A 50 14.90 -0.79 1.72
N GLY A 51 14.79 0.35 1.04
CA GLY A 51 15.78 0.74 0.05
C GLY A 51 15.84 -0.16 -1.16
N GLU A 52 14.76 -0.87 -1.46
CA GLU A 52 14.73 -1.80 -2.57
C GLU A 52 14.39 -1.12 -3.88
N ASP A 53 15.03 -1.57 -4.96
CA ASP A 53 14.47 -1.40 -6.29
C ASP A 53 14.25 -2.78 -6.92
N ASN A 54 15.32 -3.41 -7.39
CA ASN A 54 15.23 -4.79 -7.85
C ASN A 54 15.16 -5.69 -6.61
N ILE A 55 14.00 -6.29 -6.36
CA ILE A 55 13.82 -7.09 -5.14
C ILE A 55 14.42 -8.48 -5.26
N ASN A 56 15.02 -8.82 -6.41
CA ASN A 56 15.68 -10.12 -6.58
C ASN A 56 17.19 -9.99 -6.74
N VAL A 57 17.73 -8.78 -6.72
CA VAL A 57 19.17 -8.55 -6.84
C VAL A 57 19.61 -7.62 -5.72
N VAL A 58 20.74 -7.95 -5.10
CA VAL A 58 21.34 -7.07 -4.11
C VAL A 58 22.06 -5.95 -4.86
N GLU A 59 21.60 -4.71 -4.66
CA GLU A 59 22.11 -3.57 -5.40
C GLU A 59 22.88 -2.58 -4.53
N GLY A 60 22.82 -2.71 -3.21
CA GLY A 60 23.72 -1.99 -2.31
C GLY A 60 23.06 -1.01 -1.36
N ASN A 61 21.77 -0.72 -1.51
CA ASN A 61 21.10 0.24 -0.65
C ASN A 61 20.01 -0.40 0.20
N GLU A 62 19.92 -1.72 0.20
CA GLU A 62 18.89 -2.42 0.94
C GLU A 62 19.17 -2.38 2.44
N GLN A 63 18.08 -2.39 3.22
CA GLN A 63 18.11 -2.70 4.63
C GLN A 63 17.03 -3.74 4.90
N PHE A 64 17.44 -4.91 5.38
CA PHE A 64 16.50 -5.97 5.77
C PHE A 64 16.35 -5.93 7.29
N ILE A 65 15.13 -5.71 7.77
CA ILE A 65 14.85 -5.64 9.19
C ILE A 65 13.60 -6.46 9.50
N SER A 66 13.73 -7.38 10.45
CA SER A 66 12.59 -8.19 10.85
C SER A 66 11.53 -7.33 11.52
N ALA A 67 10.27 -7.69 11.30
CA ALA A 67 9.16 -7.09 12.03
C ALA A 67 9.10 -7.66 13.44
N SER A 68 9.07 -6.79 14.44
CA SER A 68 8.95 -7.22 15.83
C SER A 68 7.52 -7.16 16.36
N LYS A 69 6.72 -6.25 15.84
CA LYS A 69 5.31 -6.13 16.20
C LYS A 69 4.48 -5.88 14.96
N SER A 70 3.27 -6.42 14.96
CA SER A 70 2.28 -6.15 13.92
C SER A 70 0.96 -5.85 14.60
N ILE A 71 0.39 -4.68 14.32
CA ILE A 71 -0.79 -4.18 15.03
C ILE A 71 -1.86 -3.86 13.99
N VAL A 72 -2.84 -4.74 13.86
CA VAL A 72 -4.00 -4.51 13.03
C VAL A 72 -4.95 -3.55 13.75
N HIS A 73 -5.73 -2.81 12.97
CA HIS A 73 -6.71 -1.92 13.57
C HIS A 73 -7.66 -2.72 14.46
N PRO A 74 -7.98 -2.25 15.67
CA PRO A 74 -8.84 -3.05 16.56
C PRO A 74 -10.18 -3.43 15.97
N SER A 75 -10.69 -2.65 15.02
CA SER A 75 -12.00 -2.92 14.43
C SER A 75 -11.89 -3.35 12.96
N TYR A 76 -10.73 -3.85 12.55
CA TYR A 76 -10.61 -4.49 11.25
C TYR A 76 -11.65 -5.59 11.10
N ASN A 77 -12.25 -5.66 9.91
CA ASN A 77 -13.19 -6.71 9.56
C ASN A 77 -12.72 -7.34 8.26
N SER A 78 -12.29 -8.60 8.32
CA SER A 78 -11.76 -9.28 7.14
C SER A 78 -12.82 -9.62 6.12
N ASN A 79 -14.10 -9.57 6.47
CA ASN A 79 -15.16 -9.85 5.51
CA ASN A 79 -15.16 -9.85 5.52
C ASN A 79 -15.45 -8.62 4.66
N THR A 80 -15.66 -7.47 5.32
CA THR A 80 -15.94 -6.22 4.64
C THR A 80 -14.69 -5.45 4.25
N LEU A 81 -13.55 -5.78 4.86
CA LEU A 81 -12.28 -5.07 4.71
C LEU A 81 -12.35 -3.63 5.23
N ASN A 82 -13.37 -3.33 6.04
CA ASN A 82 -13.39 -2.04 6.73
C ASN A 82 -12.24 -1.97 7.73
N ASN A 83 -11.61 -0.81 7.81
CA ASN A 83 -10.48 -0.56 8.70
C ASN A 83 -9.29 -1.46 8.33
N ASP A 84 -9.00 -1.53 7.03
CA ASP A 84 -7.93 -2.38 6.52
C ASP A 84 -6.60 -1.63 6.62
N ILE A 85 -6.09 -1.55 7.84
CA ILE A 85 -4.85 -0.84 8.12
C ILE A 85 -4.11 -1.58 9.22
N MET A 86 -2.79 -1.56 9.14
CA MET A 86 -1.93 -2.29 10.06
C MET A 86 -0.63 -1.52 10.22
N LEU A 87 -0.09 -1.54 11.43
CA LEU A 87 1.19 -0.92 11.76
C LEU A 87 2.20 -2.00 12.09
N ILE A 88 3.37 -1.92 11.47
CA ILE A 88 4.46 -2.86 11.70
C ILE A 88 5.60 -2.11 12.37
N LYS A 89 6.07 -2.64 13.50
CA LYS A 89 7.25 -2.09 14.16
C LYS A 89 8.47 -2.89 13.73
N LEU A 90 9.55 -2.17 13.40
CA LEU A 90 10.79 -2.82 13.00
C LEU A 90 11.59 -3.22 14.24
N LYS A 91 12.22 -4.40 14.18
CA LYS A 91 13.00 -4.90 15.29
C LYS A 91 14.07 -3.89 15.69
N SER A 92 14.64 -3.21 14.70
CA SER A 92 15.61 -2.16 14.95
CA SER A 92 15.61 -2.16 14.95
CA SER A 92 15.61 -2.15 14.95
C SER A 92 15.29 -0.98 14.03
N ALA A 93 15.70 0.21 14.44
CA ALA A 93 15.43 1.40 13.67
C ALA A 93 16.15 1.34 12.33
N ALA A 94 15.45 1.74 11.27
CA ALA A 94 16.07 1.86 9.96
C ALA A 94 17.01 3.06 9.95
N SER A 95 18.07 2.95 9.17
CA SER A 95 19.00 4.06 8.97
CA SER A 95 19.00 4.06 8.97
C SER A 95 18.46 4.96 7.88
N LEU A 96 18.03 6.16 8.26
CA LEU A 96 17.44 7.08 7.30
C LEU A 96 18.51 7.71 6.42
N ASN A 97 18.23 7.76 5.13
CA ASN A 97 19.12 8.37 4.16
C ASN A 97 18.27 8.80 2.96
N SER A 98 18.93 9.20 1.87
CA SER A 98 18.19 9.68 0.71
C SER A 98 17.35 8.58 0.07
N ARG A 99 17.69 7.32 0.28
CA ARG A 99 16.97 6.21 -0.34
C ARG A 99 16.05 5.47 0.64
N VAL A 100 16.08 5.82 1.92
CA VAL A 100 15.22 5.23 2.93
C VAL A 100 14.69 6.40 3.76
N ALA A 101 13.43 6.77 3.54
CA ALA A 101 12.87 7.95 4.17
C ALA A 101 11.37 7.77 4.35
N SER A 102 10.80 8.59 5.24
CA SER A 102 9.40 8.44 5.61
CA SER A 102 9.41 8.46 5.62
C SER A 102 8.52 9.34 4.76
N ILE A 103 7.22 8.99 4.74
CA ILE A 103 6.19 9.76 4.06
C ILE A 103 5.30 10.38 5.13
N SER A 104 4.86 11.61 4.88
CA SER A 104 4.04 12.33 5.85
C SER A 104 2.64 11.75 5.92
N LEU A 105 2.08 11.74 7.13
CA LEU A 105 0.66 11.43 7.28
C LEU A 105 -0.19 12.66 6.94
N PRO A 106 -1.41 12.45 6.47
CA PRO A 106 -2.24 13.59 6.06
C PRO A 106 -2.74 14.39 7.25
N THR A 107 -2.90 15.68 7.03
CA THR A 107 -3.56 16.55 7.99
C THR A 107 -5.01 16.80 7.64
N SER A 108 -5.40 16.55 6.39
CA SER A 108 -6.78 16.60 5.95
C SER A 108 -6.97 15.55 4.87
N CYS A 109 -8.22 15.22 4.60
CA CYS A 109 -8.53 14.24 3.57
C CYS A 109 -8.41 14.87 2.19
N ALA A 110 -8.08 14.04 1.20
CA ALA A 110 -7.94 14.50 -0.17
C ALA A 110 -9.31 14.57 -0.86
N SER A 111 -9.36 15.37 -1.93
CA SER A 111 -10.58 15.56 -2.70
C SER A 111 -10.53 14.74 -3.98
N ALA A 112 -11.72 14.45 -4.52
CA ALA A 112 -11.82 13.73 -5.77
C ALA A 112 -11.05 14.47 -6.85
N GLY A 113 -10.38 13.72 -7.71
CA GLY A 113 -9.63 14.29 -8.80
C GLY A 113 -8.18 14.61 -8.49
N THR A 114 -7.80 14.57 -7.21
CA THR A 114 -6.41 14.76 -6.85
C THR A 114 -5.58 13.64 -7.46
N GLN A 115 -4.46 14.00 -8.09
CA GLN A 115 -3.56 13.00 -8.64
CA GLN A 115 -3.55 13.01 -8.65
C GLN A 115 -2.66 12.45 -7.54
N CYS A 116 -2.51 11.13 -7.53
CA CYS A 116 -1.72 10.44 -6.52
C CYS A 116 -0.74 9.49 -7.20
N LEU A 117 0.28 9.10 -6.46
CA LEU A 117 1.28 8.14 -6.92
C LEU A 117 1.05 6.83 -6.18
N ILE A 118 0.82 5.76 -6.93
CA ILE A 118 0.63 4.42 -6.39
C ILE A 118 1.79 3.57 -6.87
N SER A 119 2.39 2.80 -5.96
CA SER A 119 3.59 2.06 -6.32
C SER A 119 3.58 0.68 -5.67
N GLY A 120 4.32 -0.24 -6.28
CA GLY A 120 4.44 -1.58 -5.72
C GLY A 120 5.11 -2.54 -6.68
N TRP A 121 5.31 -3.76 -6.18
CA TRP A 121 5.93 -4.84 -6.94
C TRP A 121 4.91 -5.91 -7.35
N GLY A 122 3.63 -5.53 -7.43
CA GLY A 122 2.60 -6.48 -7.75
C GLY A 122 2.52 -6.80 -9.24
N ASN A 123 1.62 -7.76 -9.52
CA ASN A 123 1.34 -8.20 -10.88
C ASN A 123 1.17 -7.01 -11.82
N THR A 124 1.77 -7.11 -13.00
CA THR A 124 1.66 -6.08 -14.03
C THR A 124 0.68 -6.45 -15.13
N LYS A 125 -0.01 -7.58 -15.03
CA LYS A 125 -0.95 -8.02 -16.05
C LYS A 125 -2.37 -8.04 -15.48
N SER A 126 -3.33 -7.57 -16.28
CA SER A 126 -4.73 -7.64 -15.90
C SER A 126 -5.32 -9.03 -16.15
N SER A 127 -4.63 -9.84 -16.96
CA SER A 127 -5.02 -11.21 -17.21
C SER A 127 -3.77 -12.06 -17.18
N GLY A 128 -3.71 -13.01 -16.25
CA GLY A 128 -2.50 -13.77 -16.02
C GLY A 128 -1.63 -13.11 -14.96
N THR A 129 -0.37 -13.54 -14.91
CA THR A 129 0.55 -13.06 -13.88
C THR A 129 1.93 -12.80 -14.48
N SER A 130 2.45 -11.61 -14.22
CA SER A 130 3.85 -11.29 -14.46
C SER A 130 4.31 -10.37 -13.34
N TYR A 131 5.31 -10.79 -12.59
CA TYR A 131 5.75 -10.02 -11.43
C TYR A 131 7.06 -9.33 -11.73
N PRO A 132 7.14 -8.01 -11.55
CA PRO A 132 8.35 -7.29 -11.94
C PRO A 132 9.46 -7.42 -10.91
N ASP A 133 10.70 -7.29 -11.40
CA ASP A 133 11.83 -7.22 -10.49
C ASP A 133 11.94 -5.86 -9.83
N VAL A 134 11.65 -4.80 -10.58
CA VAL A 134 11.87 -3.43 -10.11
C VAL A 134 10.52 -2.78 -9.79
N LEU A 135 10.60 -1.72 -8.99
CA LEU A 135 9.40 -1.05 -8.50
C LEU A 135 8.65 -0.36 -9.64
N LYS A 136 7.33 -0.54 -9.66
CA LYS A 136 6.46 0.07 -10.64
C LYS A 136 5.62 1.19 -10.02
N CYS A 137 5.30 2.17 -10.85
CA CYS A 137 4.62 3.38 -10.42
C CYS A 137 3.41 3.66 -11.30
N LEU A 138 2.40 4.30 -10.71
CA LEU A 138 1.19 4.66 -11.43
C LEU A 138 0.67 5.97 -10.87
N LYS A 139 0.45 6.94 -11.74
CA LYS A 139 -0.25 8.16 -11.38
C LYS A 139 -1.75 7.95 -11.63
N ALA A 140 -2.56 8.22 -10.60
CA ALA A 140 -3.96 7.89 -10.67
C ALA A 140 -4.77 8.90 -9.87
N PRO A 141 -5.95 9.29 -10.36
CA PRO A 141 -6.80 10.21 -9.61
C PRO A 141 -7.69 9.49 -8.61
N ILE A 142 -8.01 10.22 -7.52
CA ILE A 142 -9.05 9.78 -6.60
C ILE A 142 -10.40 9.98 -7.26
N LEU A 143 -11.25 8.97 -7.20
CA LEU A 143 -12.57 9.07 -7.82
C LEU A 143 -13.59 9.60 -6.81
N SER A 144 -14.69 10.13 -7.33
CA SER A 144 -15.77 10.58 -6.47
C SER A 144 -16.37 9.41 -5.73
N ASP A 145 -16.84 9.68 -4.51
CA ASP A 145 -17.49 8.64 -3.72
C ASP A 145 -18.71 8.07 -4.44
N SER A 146 -19.43 8.89 -5.22
CA SER A 146 -20.61 8.39 -5.92
C SER A 146 -20.22 7.38 -7.00
N SER A 147 -19.16 7.67 -7.76
CA SER A 147 -18.70 6.70 -8.76
CA SER A 147 -18.70 6.70 -8.76
C SER A 147 -18.15 5.45 -8.09
N CYS A 148 -17.43 5.60 -6.99
CA CYS A 148 -16.89 4.45 -6.27
C CYS A 148 -18.01 3.52 -5.82
N LYS A 149 -19.07 4.08 -5.25
CA LYS A 149 -20.18 3.27 -4.78
C LYS A 149 -20.99 2.69 -5.93
N SER A 150 -21.05 3.38 -7.08
CA SER A 150 -21.71 2.79 -8.24
C SER A 150 -20.94 1.59 -8.76
N ALA A 151 -19.61 1.65 -8.70
CA ALA A 151 -18.78 0.53 -9.15
C ALA A 151 -18.93 -0.67 -8.22
N TYR A 152 -19.09 -0.42 -6.92
CA TYR A 152 -19.12 -1.48 -5.91
C TYR A 152 -20.30 -1.25 -4.98
N PRO A 153 -21.52 -1.46 -5.47
CA PRO A 153 -22.70 -1.23 -4.63
C PRO A 153 -22.64 -2.02 -3.34
N GLY A 154 -22.90 -1.34 -2.22
CA GLY A 154 -22.99 -1.97 -0.93
C GLY A 154 -21.68 -2.33 -0.27
N GLN A 155 -20.53 -1.99 -0.88
CA GLN A 155 -19.23 -2.43 -0.39
C GLN A 155 -18.31 -1.32 0.06
N ILE A 156 -18.60 -0.06 -0.24
CA ILE A 156 -17.69 1.05 0.03
C ILE A 156 -18.12 1.70 1.34
N THR A 157 -17.25 1.62 2.35
CA THR A 157 -17.49 2.27 3.62
C THR A 157 -16.83 3.64 3.64
N SER A 158 -17.09 4.39 4.71
CA SER A 158 -16.52 5.72 4.88
C SER A 158 -15.01 5.67 5.10
N ASN A 159 -14.44 4.49 5.24
CA ASN A 159 -12.99 4.31 5.39
C ASN A 159 -12.33 3.81 4.12
N MET A 160 -13.00 3.97 2.98
CA MET A 160 -12.49 3.52 1.70
C MET A 160 -12.67 4.63 0.67
N PHE A 161 -11.82 4.61 -0.35
CA PHE A 161 -12.04 5.44 -1.52
C PHE A 161 -11.51 4.69 -2.73
N CYS A 162 -12.05 5.05 -3.89
CA CYS A 162 -11.60 4.50 -5.16
C CYS A 162 -10.60 5.45 -5.81
N ALA A 163 -9.65 4.86 -6.53
CA ALA A 163 -8.72 5.64 -7.33
C ALA A 163 -8.39 4.84 -8.58
N GLY A 164 -8.10 5.55 -9.68
CA GLY A 164 -7.69 4.91 -10.92
C GLY A 164 -8.57 5.35 -12.08
N TYR A 165 -8.94 4.38 -12.92
CA TYR A 165 -9.47 4.64 -14.25
C TYR A 165 -10.59 3.66 -14.55
N LEU A 166 -11.76 4.18 -14.92
CA LEU A 166 -12.91 3.34 -15.21
C LEU A 166 -12.83 2.67 -16.58
N GLU A 167 -11.96 3.16 -17.47
CA GLU A 167 -11.84 2.56 -18.80
C GLU A 167 -10.99 1.30 -18.79
N GLY A 168 -10.34 0.97 -17.68
CA GLY A 168 -9.50 -0.20 -17.58
C GLY A 168 -8.07 0.07 -17.98
N GLY A 169 -7.21 -0.91 -17.69
CA GLY A 169 -5.84 -0.91 -18.14
C GLY A 169 -4.82 -0.33 -17.16
N LYS A 170 -5.28 0.35 -16.10
CA LYS A 170 -4.37 1.00 -15.16
C LYS A 170 -4.90 0.81 -13.74
N ASP A 171 -4.13 0.15 -12.89
CA ASP A 171 -4.63 -0.24 -11.57
C ASP A 171 -3.48 -0.81 -10.75
N SER A 172 -3.72 -0.91 -9.44
CA SER A 172 -2.91 -1.76 -8.58
C SER A 172 -3.40 -3.20 -8.69
N CYS A 173 -2.54 -4.15 -8.32
CA CYS A 173 -2.86 -5.56 -8.50
C CYS A 173 -2.20 -6.39 -7.41
N GLN A 174 -2.35 -7.71 -7.50
CA GLN A 174 -1.88 -8.60 -6.44
C GLN A 174 -0.39 -8.44 -6.20
N GLY A 175 -0.02 -8.22 -4.94
CA GLY A 175 1.32 -7.88 -4.55
C GLY A 175 1.49 -6.42 -4.20
N ASP A 176 0.55 -5.56 -4.61
CA ASP A 176 0.61 -4.15 -4.28
C ASP A 176 -0.05 -3.84 -2.94
N SER A 177 -0.88 -4.74 -2.42
CA SER A 177 -1.57 -4.52 -1.15
C SER A 177 -0.63 -3.99 -0.08
N GLY A 178 -1.15 -3.07 0.73
CA GLY A 178 -0.40 -2.50 1.84
C GLY A 178 0.48 -1.34 1.45
N GLY A 179 0.78 -1.16 0.17
CA GLY A 179 1.61 -0.09 -0.28
C GLY A 179 0.89 1.22 -0.39
N PRO A 180 1.64 2.25 -0.81
CA PRO A 180 1.19 3.64 -0.68
C PRO A 180 0.35 4.16 -1.84
N VAL A 181 -0.58 5.05 -1.46
CA VAL A 181 -1.18 6.03 -2.37
C VAL A 181 -0.82 7.39 -1.78
N VAL A 182 0.05 8.12 -2.48
CA VAL A 182 0.58 9.38 -1.98
C VAL A 182 0.08 10.51 -2.87
N CYS A 183 -0.50 11.54 -2.23
CA CYS A 183 -1.05 12.69 -2.93
C CYS A 183 -0.52 13.94 -2.24
N SER A 184 0.13 14.81 -3.02
CA SER A 184 0.73 16.03 -2.49
C SER A 184 1.60 15.74 -1.27
N GLY A 185 2.42 14.68 -1.41
CA GLY A 185 3.37 14.33 -0.36
C GLY A 185 2.76 13.73 0.89
N LYS A 186 1.49 13.32 0.86
CA LYS A 186 0.83 12.76 2.02
C LYS A 186 0.36 11.35 1.70
N LEU A 187 0.45 10.46 2.69
CA LEU A 187 -0.04 9.10 2.54
C LEU A 187 -1.55 9.12 2.75
N GLN A 188 -2.30 9.21 1.66
CA GLN A 188 -3.76 9.24 1.76
C GLN A 188 -4.39 7.86 1.66
N GLY A 189 -3.74 6.90 1.01
CA GLY A 189 -4.36 5.60 0.80
C GLY A 189 -3.40 4.45 1.02
N ILE A 190 -3.99 3.28 1.27
CA ILE A 190 -3.30 2.00 1.34
C ILE A 190 -3.97 1.07 0.34
N VAL A 191 -3.15 0.42 -0.51
CA VAL A 191 -3.71 -0.53 -1.46
C VAL A 191 -4.45 -1.62 -0.69
N SER A 192 -5.73 -1.82 -1.03
CA SER A 192 -6.58 -2.74 -0.29
C SER A 192 -7.19 -3.80 -1.18
N TRP A 193 -8.12 -3.47 -2.07
CA TRP A 193 -8.85 -4.51 -2.79
C TRP A 193 -9.49 -3.96 -4.05
N GLY A 194 -10.09 -4.86 -4.81
CA GLY A 194 -10.83 -4.52 -6.01
C GLY A 194 -11.30 -5.80 -6.65
N SER A 195 -12.15 -5.64 -7.66
CA SER A 195 -12.63 -6.76 -8.47
CA SER A 195 -12.63 -6.76 -8.47
C SER A 195 -11.65 -6.94 -9.62
N GLY A 196 -10.79 -7.95 -9.53
CA GLY A 196 -9.78 -8.12 -10.55
C GLY A 196 -8.79 -6.95 -10.51
N CYS A 197 -8.11 -6.77 -11.64
CA CYS A 197 -7.16 -5.68 -11.80
C CYS A 197 -7.37 -5.03 -13.15
N ALA A 198 -7.44 -3.70 -13.16
CA ALA A 198 -7.46 -2.92 -14.40
C ALA A 198 -8.67 -3.27 -15.27
N GLN A 199 -9.74 -3.76 -14.65
CA GLN A 199 -10.95 -4.11 -15.36
C GLN A 199 -11.86 -2.90 -15.51
N LYS A 200 -12.58 -2.85 -16.63
CA LYS A 200 -13.48 -1.74 -16.90
C LYS A 200 -14.49 -1.58 -15.78
N ASN A 201 -14.68 -0.35 -15.33
CA ASN A 201 -15.68 0.01 -14.32
C ASN A 201 -15.44 -0.65 -12.98
N LYS A 202 -14.22 -1.14 -12.74
CA LYS A 202 -13.84 -1.76 -11.47
C LYS A 202 -12.54 -1.14 -11.01
N PRO A 203 -12.59 0.09 -10.51
CA PRO A 203 -11.36 0.76 -10.04
C PRO A 203 -10.86 0.14 -8.75
N GLY A 204 -9.62 0.50 -8.40
CA GLY A 204 -9.04 0.04 -7.16
C GLY A 204 -9.68 0.71 -5.96
N VAL A 205 -9.75 -0.03 -4.86
CA VAL A 205 -10.29 0.48 -3.59
C VAL A 205 -9.15 0.56 -2.58
N TYR A 206 -9.15 1.63 -1.80
CA TYR A 206 -8.02 1.99 -0.96
C TYR A 206 -8.50 2.40 0.42
N THR A 207 -7.73 2.01 1.44
CA THR A 207 -8.03 2.44 2.81
C THR A 207 -7.79 3.94 2.94
N LYS A 208 -8.76 4.64 3.54
CA LYS A 208 -8.73 6.10 3.62
C LYS A 208 -7.93 6.50 4.85
N VAL A 209 -6.63 6.75 4.64
CA VAL A 209 -5.69 6.93 5.75
C VAL A 209 -6.02 8.14 6.59
N CYS A 210 -6.62 9.18 6.00
CA CYS A 210 -6.86 10.41 6.75
C CYS A 210 -7.79 10.20 7.94
N ASN A 211 -8.52 9.08 7.97
CA ASN A 211 -9.40 8.78 9.10
C ASN A 211 -8.68 8.14 10.28
N TYR A 212 -7.40 7.79 10.12
CA TYR A 212 -6.69 6.97 11.10
C TYR A 212 -5.49 7.66 11.73
N VAL A 213 -5.31 8.96 11.50
CA VAL A 213 -4.07 9.61 11.93
C VAL A 213 -3.94 9.57 13.45
N SER A 214 -5.02 9.86 14.16
CA SER A 214 -4.99 9.80 15.62
C SER A 214 -4.65 8.39 16.11
N TRP A 215 -5.32 7.38 15.56
CA TRP A 215 -5.04 6.01 15.95
C TRP A 215 -3.59 5.64 15.67
N ILE A 216 -3.07 6.03 14.50
CA ILE A 216 -1.68 5.72 14.16
C ILE A 216 -0.73 6.30 15.20
N LYS A 217 -0.94 7.57 15.56
CA LYS A 217 -0.02 8.23 16.48
C LYS A 217 -0.11 7.65 17.88
N GLN A 218 -1.33 7.32 18.33
CA GLN A 218 -1.48 6.72 19.65
C GLN A 218 -0.84 5.33 19.70
N THR A 219 -1.05 4.53 18.65
CA THR A 219 -0.46 3.19 18.62
C THR A 219 1.06 3.26 18.68
N ILE A 220 1.67 4.18 17.91
CA ILE A 220 3.12 4.34 17.96
C ILE A 220 3.56 4.74 19.36
N ALA A 221 2.85 5.68 19.99
CA ALA A 221 3.27 6.20 21.28
C ALA A 221 3.20 5.13 22.37
N SER A 222 2.34 4.13 22.20
CA SER A 222 2.11 3.13 23.25
C SER A 222 2.69 1.76 22.91
N ASN A 223 3.50 1.66 21.87
CA ASN A 223 4.12 0.39 21.52
C ASN A 223 5.58 0.57 21.10
N CYS B 1 -9.69 -11.11 -3.99
CA CYS B 1 -10.25 -9.73 -4.02
C CYS B 1 -9.23 -8.73 -3.48
N THR B 2 -8.63 -9.03 -2.32
CA THR B 2 -7.52 -8.22 -1.86
C THR B 2 -6.35 -8.33 -2.83
N LYS B 3 -5.43 -7.37 -2.75
CA LYS B 3 -4.31 -7.31 -3.68
C LYS B 3 -3.01 -7.78 -3.04
N SER B 4 -3.13 -8.81 -2.20
CA SER B 4 -2.01 -9.49 -1.58
C SER B 4 -1.62 -10.70 -2.41
N ILE B 5 -0.45 -11.26 -2.08
CA ILE B 5 -0.02 -12.55 -2.61
C ILE B 5 -0.10 -13.56 -1.46
N PRO B 6 -1.07 -14.48 -1.50
CA PRO B 6 -2.16 -14.63 -2.47
C PRO B 6 -3.34 -13.72 -2.16
N PRO B 7 -4.24 -13.55 -3.12
CA PRO B 7 -5.44 -12.75 -2.85
C PRO B 7 -6.41 -13.46 -1.92
N GLN B 8 -7.19 -12.67 -1.20
CA GLN B 8 -8.27 -13.15 -0.35
C GLN B 8 -9.59 -12.52 -0.79
N CYS B 9 -10.66 -13.30 -0.74
CA CYS B 9 -12.00 -12.77 -0.99
C CYS B 9 -12.92 -13.06 0.19
CA CA C . 17.50 -5.41 -4.09
S SO4 D . -14.92 -7.25 15.13
O1 SO4 D . -14.53 -7.46 13.74
O2 SO4 D . -13.72 -7.15 15.97
O3 SO4 D . -15.68 -6.01 15.23
O4 SO4 D . -15.74 -8.37 15.58
#